data_2BSK
#
_entry.id   2BSK
#
_cell.length_a   107.430
_cell.length_b   107.430
_cell.length_c   110.588
_cell.angle_alpha   90.00
_cell.angle_beta   90.00
_cell.angle_gamma   90.00
#
_symmetry.space_group_name_H-M   'P 41 21 2'
#
loop_
_entity.id
_entity.type
_entity.pdbx_description
1 polymer 'MITOCHONDRIAL IMPORT INNER MEMBRANE TRANSLOCASE SUBUNIT TIM9 A'
2 polymer 'MITOCHONDRIAL IMPORT INNER MEMBRANE TRANSLOCASE SUBUNIT TIM10'
#
loop_
_entity_poly.entity_id
_entity_poly.type
_entity_poly.pdbx_seq_one_letter_code
_entity_poly.pdbx_strand_id
1 'polypeptide(L)'
;MAAQIPESDQIKQFKEFLGTYNKLTETCFLDCVKDFTTREVKPEETTCSEHCLQKYLKMTQRISMRFQEYHIQQNEALAA
KAGLLGQPR
;
A,C,E
2 'polypeptide(L)'
;(MSE)DPLRAQQLAAELEVE(MSE)(MSE)AD(MSE)YNR(MSE)TSACHRKCVPPHYKEAELSKGESVCLDRCVSKYLD
IHER(MSE)GKKLTELS(MSE)QDEEL(MSE)KRVQQSSGPA
;
B,D,F
#
# COMPACT_ATOMS: atom_id res chain seq x y z
N GLN A 13 13.00 13.98 -0.95
CA GLN A 13 13.55 14.77 0.18
C GLN A 13 12.45 15.15 1.18
N PHE A 14 11.63 16.13 0.78
CA PHE A 14 10.52 16.62 1.59
C PHE A 14 9.30 15.80 1.15
N LYS A 15 9.38 15.28 -0.07
CA LYS A 15 8.31 14.45 -0.64
C LYS A 15 8.12 13.23 0.25
N GLU A 16 9.23 12.51 0.50
CA GLU A 16 9.19 11.32 1.34
C GLU A 16 8.32 11.51 2.59
N PHE A 17 8.44 12.67 3.23
CA PHE A 17 7.65 12.95 4.42
C PHE A 17 6.16 13.09 4.10
N LEU A 18 5.83 13.88 3.08
CA LEU A 18 4.43 14.03 2.74
C LEU A 18 3.87 12.68 2.32
N GLY A 19 4.72 11.91 1.61
CA GLY A 19 4.33 10.58 1.17
C GLY A 19 3.95 9.77 2.40
N THR A 20 4.86 9.72 3.37
CA THR A 20 4.58 9.01 4.60
C THR A 20 3.26 9.57 5.09
N TYR A 21 3.29 10.85 5.45
CA TYR A 21 2.11 11.53 5.94
C TYR A 21 0.85 10.93 5.29
N ASN A 22 0.63 11.22 4.01
CA ASN A 22 -0.53 10.69 3.32
C ASN A 22 -0.85 9.20 3.55
N LYS A 23 0.19 8.41 3.84
CA LYS A 23 0.01 6.99 4.07
C LYS A 23 -0.47 6.77 5.49
N LEU A 24 -0.12 7.72 6.35
CA LEU A 24 -0.54 7.65 7.73
C LEU A 24 -2.03 8.00 7.76
N THR A 25 -2.37 9.12 7.12
CA THR A 25 -3.75 9.59 7.01
C THR A 25 -4.62 8.37 6.75
N GLU A 26 -4.28 7.67 5.67
CA GLU A 26 -5.00 6.49 5.24
C GLU A 26 -5.03 5.46 6.35
N THR A 27 -3.90 4.83 6.61
CA THR A 27 -3.85 3.81 7.65
C THR A 27 -4.59 4.16 8.92
N CYS A 28 -4.45 5.37 9.44
CA CYS A 28 -5.20 5.67 10.66
C CYS A 28 -6.68 5.71 10.36
N PHE A 29 -7.04 6.18 9.17
CA PHE A 29 -8.44 6.25 8.78
C PHE A 29 -9.14 4.89 8.85
N LEU A 30 -8.66 3.96 8.04
CA LEU A 30 -9.24 2.62 7.99
C LEU A 30 -9.28 1.88 9.32
N ASP A 31 -8.35 2.20 10.23
CA ASP A 31 -8.33 1.52 11.50
C ASP A 31 -9.13 2.23 12.56
N CYS A 32 -9.37 3.52 12.36
CA CYS A 32 -10.11 4.29 13.34
C CYS A 32 -11.58 4.56 13.05
N VAL A 33 -11.87 5.14 11.89
CA VAL A 33 -13.25 5.46 11.52
C VAL A 33 -14.02 4.19 11.20
N LYS A 34 -15.25 4.07 11.68
CA LYS A 34 -16.03 2.85 11.40
C LYS A 34 -17.52 3.04 11.17
N ASP A 35 -18.18 3.83 11.99
CA ASP A 35 -19.62 4.07 11.85
C ASP A 35 -19.87 5.17 10.81
N PHE A 36 -20.76 4.92 9.86
CA PHE A 36 -21.05 5.93 8.85
C PHE A 36 -22.52 6.37 8.79
N THR A 37 -23.04 6.80 9.92
CA THR A 37 -24.42 7.26 10.01
C THR A 37 -24.50 8.77 9.87
N THR A 38 -23.37 9.47 10.02
CA THR A 38 -23.37 10.92 9.91
C THR A 38 -22.26 11.41 8.98
N ARG A 39 -21.95 12.70 9.10
CA ARG A 39 -20.91 13.32 8.29
C ARG A 39 -19.79 13.86 9.19
N GLU A 40 -20.07 13.91 10.50
CA GLU A 40 -19.09 14.40 11.48
C GLU A 40 -18.27 13.28 12.15
N VAL A 41 -16.95 13.45 12.16
CA VAL A 41 -16.07 12.46 12.75
C VAL A 41 -16.47 12.15 14.18
N LYS A 42 -17.28 11.12 14.34
CA LYS A 42 -17.74 10.67 15.65
C LYS A 42 -16.61 10.95 16.67
N PRO A 43 -16.96 11.39 17.89
CA PRO A 43 -15.96 11.69 18.93
C PRO A 43 -15.10 10.51 19.41
N GLU A 44 -15.69 9.33 19.54
CA GLU A 44 -14.92 8.16 19.98
C GLU A 44 -13.77 7.86 19.02
N GLU A 45 -14.00 8.13 17.72
CA GLU A 45 -12.99 7.85 16.71
C GLU A 45 -12.01 8.99 16.48
N THR A 46 -12.50 10.23 16.60
CA THR A 46 -11.64 11.40 16.41
C THR A 46 -10.44 11.26 17.35
N THR A 47 -10.61 10.39 18.35
CA THR A 47 -9.58 10.11 19.36
C THR A 47 -8.62 9.03 18.87
N CYS A 48 -9.18 7.87 18.55
CA CYS A 48 -8.39 6.75 18.04
C CYS A 48 -7.40 7.39 17.07
N SER A 49 -7.92 8.16 16.14
CA SER A 49 -7.09 8.85 15.17
C SER A 49 -5.83 9.38 15.85
N GLU A 50 -6.01 10.35 16.75
CA GLU A 50 -4.91 10.96 17.49
C GLU A 50 -3.94 9.96 18.11
N HIS A 51 -4.46 8.98 18.83
CA HIS A 51 -3.58 7.99 19.42
C HIS A 51 -2.84 7.30 18.29
N CYS A 52 -3.56 6.96 17.23
CA CYS A 52 -2.96 6.28 16.09
C CYS A 52 -1.82 7.12 15.51
N LEU A 53 -2.06 8.41 15.40
CA LEU A 53 -1.05 9.33 14.89
C LEU A 53 0.19 9.28 15.78
N GLN A 54 -0.02 9.44 17.09
CA GLN A 54 1.08 9.40 18.05
C GLN A 54 1.75 8.03 18.00
N LYS A 55 1.01 7.02 18.46
CA LYS A 55 1.49 5.65 18.50
C LYS A 55 2.37 5.33 17.31
N TYR A 56 1.96 5.84 16.14
CA TYR A 56 2.69 5.62 14.90
C TYR A 56 4.06 6.27 14.90
N LEU A 57 4.10 7.59 15.00
CA LEU A 57 5.38 8.29 15.00
C LEU A 57 6.30 7.58 15.99
N LYS A 58 5.78 7.40 17.20
CA LYS A 58 6.54 6.76 18.27
C LYS A 58 7.12 5.44 17.75
N MET A 59 6.35 4.77 16.90
CA MET A 59 6.81 3.50 16.35
C MET A 59 7.95 3.68 15.36
N THR A 60 7.78 4.58 14.41
CA THR A 60 8.82 4.80 13.41
C THR A 60 10.11 5.22 14.10
N GLN A 61 10.01 6.09 15.09
CA GLN A 61 11.21 6.53 15.80
C GLN A 61 11.95 5.33 16.37
N ARG A 62 11.22 4.48 17.10
CA ARG A 62 11.86 3.31 17.68
C ARG A 62 12.49 2.45 16.61
N ILE A 63 11.68 1.99 15.66
CA ILE A 63 12.19 1.15 14.60
C ILE A 63 13.47 1.80 14.06
N SER A 64 13.38 3.06 13.68
CA SER A 64 14.54 3.78 13.16
C SER A 64 15.76 3.45 13.98
N MET A 65 15.68 3.79 15.26
CA MET A 65 16.77 3.54 16.17
C MET A 65 17.37 2.16 15.91
N ARG A 66 16.71 1.11 16.40
CA ARG A 66 17.20 -0.24 16.21
C ARG A 66 17.84 -0.41 14.85
N PHE A 67 17.38 0.35 13.86
CA PHE A 67 17.97 0.24 12.53
C PHE A 67 19.41 0.77 12.56
N GLN A 68 19.62 1.93 13.19
CA GLN A 68 20.97 2.44 13.28
C GLN A 68 21.74 1.39 14.08
N GLU A 69 21.30 1.15 15.32
CA GLU A 69 21.93 0.16 16.19
C GLU A 69 22.30 -1.11 15.44
N TYR A 70 21.88 -1.17 14.17
CA TYR A 70 22.16 -2.31 13.33
C TYR A 70 23.36 -2.01 12.46
N HIS A 71 23.47 -0.76 12.01
CA HIS A 71 24.60 -0.37 11.16
C HIS A 71 25.87 -0.11 11.98
N ILE A 72 25.70 0.52 13.14
CA ILE A 72 26.81 0.82 14.02
C ILE A 72 27.20 -0.46 14.76
N GLN A 73 26.54 -1.56 14.43
CA GLN A 73 26.80 -2.86 15.05
C GLN A 73 27.33 -3.71 13.92
N GLN A 74 27.12 -3.18 12.72
CA GLN A 74 27.54 -3.84 11.50
C GLN A 74 28.74 -3.06 10.98
N ASN A 75 29.09 -2.01 11.72
CA ASN A 75 30.23 -1.16 11.39
C ASN A 75 31.40 -1.64 12.25
N GLU A 76 31.13 -1.92 13.51
CA GLU A 76 32.12 -2.40 14.47
C GLU A 76 32.59 -3.80 14.11
N ALA A 77 31.77 -4.52 13.34
CA ALA A 77 32.09 -5.88 12.92
C ALA A 77 33.07 -5.90 11.74
N LEU A 78 33.32 -4.73 11.17
CA LEU A 78 34.26 -4.60 10.07
C LEU A 78 35.61 -4.36 10.76
N ALA A 79 35.55 -3.60 11.86
CA ALA A 79 36.73 -3.27 12.66
C ALA A 79 37.42 -4.55 13.14
N ALA A 80 36.63 -5.49 13.63
CA ALA A 80 37.16 -6.76 14.10
C ALA A 80 38.02 -7.34 13.00
N LYS A 81 37.46 -7.44 11.81
CA LYS A 81 38.20 -7.97 10.68
C LYS A 81 39.53 -7.23 10.65
N ALA A 82 39.44 -5.90 10.62
CA ALA A 82 40.60 -5.01 10.56
C ALA A 82 41.59 -5.14 11.72
N GLY A 83 41.55 -6.24 12.45
CA GLY A 83 42.47 -6.40 13.56
C GLY A 83 43.10 -7.79 13.62
N LEU A 84 42.39 -8.79 13.09
CA LEU A 84 42.90 -10.16 13.08
C LEU A 84 44.25 -10.22 12.36
N LEU A 85 44.44 -9.29 11.41
CA LEU A 85 45.67 -9.16 10.61
C LEU A 85 46.13 -7.70 10.63
N LEU B 13 23.06 3.02 -5.87
CA LEU B 13 21.69 2.42 -5.98
C LEU B 13 21.30 1.69 -4.70
N GLU B 14 22.24 1.56 -3.77
CA GLU B 14 22.00 0.88 -2.51
C GLU B 14 21.16 1.75 -1.57
N VAL B 15 20.81 2.94 -2.03
CA VAL B 15 20.01 3.85 -1.22
C VAL B 15 18.54 3.85 -1.62
N GLU B 16 18.29 4.09 -2.91
CA GLU B 16 16.92 4.10 -3.41
C GLU B 16 16.25 2.76 -3.16
N ALA B 19 16.04 2.30 1.30
CA ALA B 19 15.00 3.10 1.92
C ALA B 19 13.68 2.45 1.56
N ASP B 20 13.74 1.42 0.72
CA ASP B 20 12.56 0.71 0.31
C ASP B 20 12.26 -0.37 1.33
N TYR B 22 13.08 -0.54 4.00
CA TYR B 22 12.82 0.15 5.25
C TYR B 22 11.32 0.40 5.41
N ASN B 23 10.72 0.98 4.37
CA ASN B 23 9.28 1.25 4.37
C ASN B 23 8.52 -0.06 4.40
N ARG B 24 9.09 -1.08 3.76
CA ARG B 24 8.48 -2.40 3.76
C ARG B 24 8.60 -2.90 5.20
N THR B 26 9.07 -1.44 7.85
CA THR B 26 8.26 -0.69 8.80
C THR B 26 6.81 -1.13 8.71
N SER B 27 6.27 -1.04 7.50
CA SER B 27 4.90 -1.44 7.32
C SER B 27 4.66 -2.80 7.95
N ALA B 28 5.68 -3.65 7.90
CA ALA B 28 5.55 -5.00 8.46
C ALA B 28 5.61 -5.05 9.96
N CYS B 29 6.66 -4.51 10.55
CA CYS B 29 6.71 -4.59 11.99
C CYS B 29 5.48 -3.93 12.57
N HIS B 30 4.89 -3.01 11.84
CA HIS B 30 3.69 -2.35 12.33
C HIS B 30 2.57 -3.36 12.44
N ARG B 31 2.25 -4.04 11.33
CA ARG B 31 1.19 -5.03 11.31
C ARG B 31 1.33 -6.09 12.41
N LYS B 32 2.51 -6.68 12.51
CA LYS B 32 2.77 -7.73 13.50
C LYS B 32 2.96 -7.31 14.96
N CYS B 33 3.20 -6.03 15.20
CA CYS B 33 3.43 -5.59 16.56
C CYS B 33 2.53 -4.51 17.06
N VAL B 34 1.60 -4.04 16.24
CA VAL B 34 0.70 -2.97 16.68
C VAL B 34 -0.74 -3.24 16.29
N PRO B 35 -1.61 -3.52 17.29
CA PRO B 35 -3.03 -3.80 17.07
C PRO B 35 -3.81 -2.51 16.89
N PRO B 36 -4.73 -2.49 15.92
CA PRO B 36 -5.60 -1.37 15.55
C PRO B 36 -6.53 -0.78 16.60
N HIS B 37 -6.40 -1.19 17.86
CA HIS B 37 -7.26 -0.66 18.89
C HIS B 37 -6.91 0.74 19.35
N TYR B 38 -5.64 1.10 19.22
CA TYR B 38 -5.15 2.42 19.62
C TYR B 38 -5.91 2.97 20.82
N LYS B 39 -5.93 2.21 21.90
CA LYS B 39 -6.61 2.63 23.12
C LYS B 39 -5.80 3.71 23.77
N GLU B 40 -4.49 3.51 23.82
CA GLU B 40 -3.58 4.48 24.41
C GLU B 40 -2.52 4.94 23.41
N ALA B 41 -2.24 6.24 23.46
CA ALA B 41 -1.29 6.87 22.54
C ALA B 41 0.21 6.71 22.75
N GLU B 42 0.65 5.85 23.65
CA GLU B 42 2.09 5.67 23.83
C GLU B 42 2.39 4.17 23.83
N LEU B 43 3.53 3.80 23.26
CA LEU B 43 3.94 2.42 23.14
C LEU B 43 3.88 1.52 24.39
N SER B 44 3.24 0.37 24.24
CA SER B 44 3.13 -0.58 25.32
C SER B 44 4.47 -1.25 25.56
N LYS B 45 4.80 -1.48 26.82
CA LYS B 45 6.06 -2.12 27.20
C LYS B 45 6.30 -3.27 26.24
N GLY B 46 5.28 -4.11 26.13
CA GLY B 46 5.35 -5.26 25.25
C GLY B 46 5.48 -4.81 23.80
N GLU B 47 4.55 -3.96 23.36
CA GLU B 47 4.59 -3.47 21.99
C GLU B 47 6.03 -3.00 21.68
N SER B 48 6.64 -2.35 22.66
CA SER B 48 8.00 -1.85 22.51
C SER B 48 8.97 -2.99 22.23
N VAL B 49 8.84 -4.09 22.96
CA VAL B 49 9.72 -5.23 22.76
C VAL B 49 9.48 -5.86 21.40
N CYS B 50 8.22 -6.23 21.15
CA CYS B 50 7.80 -6.86 19.89
C CYS B 50 8.43 -6.16 18.70
N LEU B 51 8.31 -4.84 18.63
CA LEU B 51 8.90 -4.08 17.54
C LEU B 51 10.38 -4.47 17.38
N ASP B 52 11.14 -4.31 18.47
CA ASP B 52 12.57 -4.64 18.52
C ASP B 52 12.87 -5.99 17.91
N ARG B 53 12.29 -7.03 18.49
CA ARG B 53 12.49 -8.37 17.96
C ARG B 53 12.15 -8.42 16.48
N CYS B 54 10.99 -7.89 16.10
CA CYS B 54 10.59 -7.89 14.69
C CYS B 54 11.64 -7.22 13.82
N VAL B 55 11.98 -5.97 14.14
CA VAL B 55 12.97 -5.22 13.39
C VAL B 55 14.19 -6.09 13.11
N SER B 56 14.61 -6.84 14.13
CA SER B 56 15.78 -7.70 14.01
C SER B 56 15.51 -8.89 13.09
N LYS B 57 14.50 -9.69 13.45
CA LYS B 57 14.14 -10.86 12.66
C LYS B 57 13.95 -10.38 11.23
N TYR B 58 13.40 -9.19 11.05
CA TYR B 58 13.21 -8.71 9.69
C TYR B 58 14.55 -8.61 8.97
N LEU B 59 15.51 -7.98 9.62
CA LEU B 59 16.82 -7.81 9.03
C LEU B 59 17.47 -9.15 8.76
N ASP B 60 17.34 -10.09 9.70
CA ASP B 60 17.94 -11.40 9.48
C ASP B 60 17.33 -11.96 8.20
N ILE B 61 16.02 -12.15 8.20
CA ILE B 61 15.34 -12.71 7.04
C ILE B 61 15.72 -11.99 5.77
N HIS B 62 16.02 -10.70 5.87
CA HIS B 62 16.37 -9.94 4.69
C HIS B 62 17.67 -10.33 4.02
N GLU B 63 18.64 -10.72 4.84
CA GLU B 63 19.96 -11.09 4.33
C GLU B 63 20.05 -12.48 3.74
N ARG B 64 19.67 -13.48 4.52
CA ARG B 64 19.75 -14.85 4.04
C ARG B 64 19.00 -15.01 2.72
N GLY B 66 19.05 -12.53 0.35
CA GLY B 66 19.99 -11.99 -0.62
C GLY B 66 21.10 -12.99 -0.85
N LYS B 67 21.41 -13.77 0.18
CA LYS B 67 22.44 -14.80 0.10
C LYS B 67 21.92 -16.00 -0.69
N LYS B 68 20.98 -16.74 -0.12
CA LYS B 68 20.41 -17.91 -0.76
C LYS B 68 20.09 -17.64 -2.22
N LEU B 69 19.56 -16.46 -2.51
CA LEU B 69 19.21 -16.10 -3.88
C LEU B 69 20.45 -15.97 -4.75
N THR B 70 21.46 -15.27 -4.24
CA THR B 70 22.70 -15.08 -4.99
C THR B 70 23.29 -16.44 -5.32
N GLU B 71 23.20 -17.36 -4.36
CA GLU B 71 23.71 -18.71 -4.55
C GLU B 71 23.10 -19.28 -5.82
N LEU B 72 21.78 -19.14 -5.93
CA LEU B 72 21.06 -19.66 -7.07
C LEU B 72 21.14 -18.77 -8.31
N SER B 73 22.11 -17.88 -8.33
CA SER B 73 22.31 -17.01 -9.48
C SER B 73 23.61 -17.44 -10.13
N GLN B 75 24.96 -21.04 -9.20
CA GLN B 75 24.70 -22.46 -9.35
C GLN B 75 23.98 -22.80 -10.67
N ASP B 76 22.90 -22.08 -10.95
CA ASP B 76 22.11 -22.28 -12.17
C ASP B 76 22.94 -22.36 -13.45
N GLU B 77 23.86 -21.40 -13.61
CA GLU B 77 24.72 -21.36 -14.78
C GLU B 77 25.51 -22.66 -14.93
N ASP C 9 -2.40 18.04 -20.49
CA ASP C 9 -1.29 18.93 -20.05
C ASP C 9 0.02 18.53 -20.71
N GLN C 10 -1.31 16.95 -22.79
CA GLN C 10 -2.35 15.93 -22.80
C GLN C 10 -1.78 14.57 -22.41
N ILE C 11 -0.47 14.52 -22.18
CA ILE C 11 0.20 13.28 -21.78
C ILE C 11 0.01 13.02 -20.28
N LYS C 12 -0.18 14.07 -19.50
CA LYS C 12 -0.40 13.92 -18.07
C LYS C 12 -1.88 13.58 -17.85
N GLN C 13 -2.53 13.23 -18.97
CA GLN C 13 -3.94 12.85 -18.99
C GLN C 13 -3.97 11.43 -19.56
N PHE C 14 -2.82 10.99 -20.06
CA PHE C 14 -2.64 9.66 -20.63
C PHE C 14 -1.70 8.87 -19.70
N LYS C 15 -1.33 9.51 -18.59
CA LYS C 15 -0.48 8.93 -17.56
C LYS C 15 -1.44 8.52 -16.45
N GLU C 16 -2.49 9.32 -16.30
CA GLU C 16 -3.54 9.10 -15.31
C GLU C 16 -4.56 8.12 -15.88
N PHE C 17 -4.68 8.10 -17.22
CA PHE C 17 -5.60 7.17 -17.84
C PHE C 17 -5.01 5.80 -17.55
N LEU C 18 -4.11 5.37 -18.43
CA LEU C 18 -3.45 4.08 -18.28
C LEU C 18 -3.30 3.66 -16.82
N GLY C 19 -2.86 4.58 -15.97
CA GLY C 19 -2.69 4.27 -14.56
C GLY C 19 -4.01 3.78 -14.00
N THR C 20 -4.95 4.70 -13.83
CA THR C 20 -6.27 4.37 -13.32
C THR C 20 -6.72 3.04 -13.94
N TYR C 21 -6.69 2.96 -15.27
CA TYR C 21 -7.09 1.75 -15.97
C TYR C 21 -6.51 0.54 -15.22
N ASN C 22 -5.19 0.37 -15.24
CA ASN C 22 -4.60 -0.76 -14.54
C ASN C 22 -5.19 -0.90 -13.13
N LYS C 23 -5.30 0.22 -12.44
CA LYS C 23 -5.82 0.25 -11.07
C LYS C 23 -7.20 -0.42 -11.00
N LEU C 24 -8.00 -0.21 -12.04
CA LEU C 24 -9.34 -0.76 -12.12
C LEU C 24 -9.31 -2.25 -12.47
N THR C 25 -8.75 -2.57 -13.63
CA THR C 25 -8.61 -3.96 -14.06
C THR C 25 -8.33 -4.80 -12.86
N GLU C 26 -7.36 -4.38 -12.07
CA GLU C 26 -7.00 -5.12 -10.88
C GLU C 26 -8.13 -5.21 -9.87
N THR C 27 -8.59 -4.07 -9.39
CA THR C 27 -9.64 -4.05 -8.40
C THR C 27 -10.79 -4.95 -8.74
N CYS C 28 -11.11 -5.11 -10.02
CA CYS C 28 -12.20 -5.99 -10.34
C CYS C 28 -11.72 -7.44 -10.33
N PHE C 29 -10.71 -7.77 -11.08
CA PHE C 29 -10.25 -9.15 -11.07
C PHE C 29 -10.11 -9.66 -9.63
N LEU C 30 -9.85 -8.78 -8.69
CA LEU C 30 -9.65 -9.22 -7.31
C LEU C 30 -10.92 -9.46 -6.49
N ASP C 31 -11.92 -8.60 -6.64
CA ASP C 31 -13.16 -8.80 -5.92
C ASP C 31 -13.99 -9.84 -6.65
N CYS C 32 -14.03 -9.73 -7.96
CA CYS C 32 -14.81 -10.63 -8.79
C CYS C 32 -14.27 -12.03 -9.08
N VAL C 33 -13.27 -12.16 -9.94
CA VAL C 33 -12.70 -13.46 -10.29
C VAL C 33 -12.23 -14.31 -9.11
N LYS C 34 -12.92 -15.41 -8.83
CA LYS C 34 -12.51 -16.25 -7.71
C LYS C 34 -12.67 -17.75 -7.91
N ASP C 35 -12.94 -18.19 -9.14
CA ASP C 35 -13.12 -19.61 -9.40
C ASP C 35 -12.02 -20.15 -10.30
N PHE C 36 -11.01 -20.77 -9.72
CA PHE C 36 -9.93 -21.26 -10.54
C PHE C 36 -10.02 -22.76 -10.78
N THR C 37 -10.68 -23.07 -11.91
CA THR C 37 -10.93 -24.42 -12.40
C THR C 37 -11.29 -24.25 -13.87
N THR C 38 -10.83 -23.16 -14.49
CA THR C 38 -11.16 -22.90 -15.88
C THR C 38 -10.38 -21.71 -16.47
N ARG C 39 -9.84 -21.87 -17.67
CA ARG C 39 -9.14 -20.77 -18.31
C ARG C 39 -10.20 -19.84 -18.92
N GLU C 40 -11.47 -20.13 -18.63
CA GLU C 40 -12.63 -19.37 -19.13
C GLU C 40 -13.31 -18.60 -18.00
N VAL C 41 -13.81 -17.42 -18.31
CA VAL C 41 -14.48 -16.57 -17.33
C VAL C 41 -15.90 -17.00 -16.98
N LYS C 42 -16.03 -17.77 -15.91
CA LYS C 42 -17.33 -18.22 -15.43
C LYS C 42 -18.21 -16.96 -15.55
N PRO C 43 -19.41 -17.08 -16.14
CA PRO C 43 -20.34 -15.95 -16.33
C PRO C 43 -20.79 -15.27 -15.05
N GLU C 44 -20.76 -16.03 -13.95
CA GLU C 44 -21.14 -15.47 -12.65
C GLU C 44 -20.05 -14.45 -12.27
N GLU C 45 -18.92 -14.49 -12.98
CA GLU C 45 -17.79 -13.58 -12.78
C GLU C 45 -17.80 -12.53 -13.89
N THR C 46 -18.26 -12.91 -15.08
CA THR C 46 -18.29 -11.97 -16.19
C THR C 46 -19.24 -10.85 -15.89
N THR C 47 -20.15 -11.05 -14.95
CA THR C 47 -21.08 -9.97 -14.67
C THR C 47 -20.62 -9.17 -13.49
N CYS C 48 -20.17 -9.84 -12.44
CA CYS C 48 -19.68 -9.16 -11.26
C CYS C 48 -18.73 -8.07 -11.74
N SER C 49 -17.68 -8.47 -12.42
CA SER C 49 -16.71 -7.53 -12.92
C SER C 49 -17.32 -6.41 -13.75
N GLU C 50 -18.09 -6.77 -14.77
CA GLU C 50 -18.66 -5.71 -15.57
C GLU C 50 -19.42 -4.65 -14.76
N HIS C 51 -19.94 -5.00 -13.59
CA HIS C 51 -20.62 -4.00 -12.79
C HIS C 51 -19.52 -3.27 -12.02
N CYS C 52 -18.57 -4.04 -11.51
CA CYS C 52 -17.47 -3.46 -10.78
C CYS C 52 -16.96 -2.30 -11.61
N LEU C 53 -16.56 -2.55 -12.86
CA LEU C 53 -16.08 -1.48 -13.73
C LEU C 53 -17.05 -0.29 -13.81
N GLN C 54 -18.33 -0.55 -13.78
CA GLN C 54 -19.26 0.55 -13.84
C GLN C 54 -19.42 1.17 -12.44
N LYS C 55 -19.82 0.34 -11.48
CA LYS C 55 -20.02 0.79 -10.12
C LYS C 55 -18.86 1.71 -9.76
N TYR C 56 -17.66 1.30 -10.17
CA TYR C 56 -16.44 2.04 -9.91
C TYR C 56 -16.51 3.46 -10.45
N LEU C 57 -16.47 3.57 -11.78
CA LEU C 57 -16.54 4.86 -12.45
C LEU C 57 -17.66 5.70 -11.85
N LYS C 58 -18.85 5.14 -11.71
CA LYS C 58 -19.92 5.93 -11.15
C LYS C 58 -19.50 6.39 -9.74
N MET C 59 -18.68 5.59 -9.06
CA MET C 59 -18.22 5.97 -7.72
C MET C 59 -17.16 7.07 -7.87
N THR C 60 -16.08 6.75 -8.55
CA THR C 60 -15.02 7.73 -8.72
C THR C 60 -15.63 9.06 -9.12
N GLN C 61 -16.87 9.06 -9.57
CA GLN C 61 -17.51 10.31 -9.94
C GLN C 61 -18.08 11.01 -8.71
N ARG C 62 -19.02 10.35 -8.04
CA ARG C 62 -19.66 10.88 -6.84
C ARG C 62 -18.63 11.47 -5.90
N ILE C 63 -17.50 10.77 -5.73
CA ILE C 63 -16.43 11.25 -4.86
C ILE C 63 -16.13 12.66 -5.33
N SER C 64 -15.44 12.75 -6.46
CA SER C 64 -15.05 14.00 -7.05
C SER C 64 -16.09 15.09 -6.81
N MET C 65 -17.30 14.87 -7.31
CA MET C 65 -18.37 15.84 -7.12
C MET C 65 -18.37 16.41 -5.69
N ARG C 66 -17.91 15.60 -4.74
CA ARG C 66 -17.86 16.00 -3.32
C ARG C 66 -16.55 16.70 -2.96
N PHE C 67 -15.44 16.20 -3.45
CA PHE C 67 -14.17 16.82 -3.15
C PHE C 67 -14.18 18.18 -3.78
N GLN C 68 -15.23 18.47 -4.53
CA GLN C 68 -15.32 19.76 -5.20
C GLN C 68 -16.21 20.72 -4.44
N GLU C 69 -16.67 20.28 -3.28
CA GLU C 69 -17.47 21.15 -2.44
C GLU C 69 -16.50 21.53 -1.30
N TYR C 70 -15.22 21.29 -1.59
CA TYR C 70 -14.10 21.57 -0.70
C TYR C 70 -13.34 22.75 -1.33
N HIS C 71 -13.07 22.65 -2.62
CA HIS C 71 -12.35 23.70 -3.35
C HIS C 71 -13.29 24.81 -3.84
N ILE C 72 -14.60 24.57 -3.79
CA ILE C 72 -15.58 25.56 -4.24
C ILE C 72 -16.23 26.31 -3.08
N GLN C 73 -16.35 25.65 -1.92
CA GLN C 73 -16.97 26.28 -0.76
C GLN C 73 -16.12 27.43 -0.24
N GLN C 74 -14.85 27.45 -0.63
CA GLN C 74 -13.92 28.49 -0.20
C GLN C 74 -13.79 29.60 -1.23
N ASN C 75 -14.14 29.32 -2.47
CA ASN C 75 -14.04 30.35 -3.51
C ASN C 75 -15.19 31.34 -3.42
N GLU C 76 -16.27 30.96 -2.74
CA GLU C 76 -17.42 31.84 -2.61
C GLU C 76 -17.06 32.95 -1.63
N ALA C 77 -15.90 32.79 -1.01
CA ALA C 77 -15.38 33.76 -0.03
C ALA C 77 -14.22 34.55 -0.66
N LEU C 78 -13.50 33.89 -1.57
CA LEU C 78 -12.39 34.56 -2.24
C LEU C 78 -12.96 35.28 -3.44
N ALA C 79 -14.23 35.04 -3.73
CA ALA C 79 -14.91 35.72 -4.82
C ALA C 79 -15.59 36.88 -4.13
N ALA C 80 -15.44 36.89 -2.81
CA ALA C 80 -16.00 37.94 -1.97
C ALA C 80 -14.90 38.95 -1.74
N LYS C 81 -13.70 38.48 -1.41
CA LYS C 81 -12.61 39.40 -1.21
C LYS C 81 -12.34 39.99 -2.58
N ALA C 82 -13.20 39.63 -3.53
CA ALA C 82 -13.08 40.12 -4.89
C ALA C 82 -14.12 41.21 -5.07
N GLY C 83 -15.11 41.22 -4.19
CA GLY C 83 -16.18 42.20 -4.28
C GLY C 83 -15.90 43.58 -3.74
N LEU C 84 -15.01 43.68 -2.76
CA LEU C 84 -14.68 44.98 -2.18
C LEU C 84 -14.05 45.93 -3.19
N LEU C 85 -13.46 45.37 -4.25
CA LEU C 85 -12.77 46.17 -5.27
C LEU C 85 -13.59 46.60 -6.47
N GLY C 86 -13.42 45.85 -7.56
CA GLY C 86 -14.11 46.15 -8.80
C GLY C 86 -15.63 46.18 -8.72
N GLN C 87 -16.28 45.37 -9.55
CA GLN C 87 -17.74 45.31 -9.56
C GLN C 87 -18.33 46.72 -9.59
N ASP D 2 18.05 34.61 -13.77
CA ASP D 2 17.17 33.46 -13.58
C ASP D 2 15.99 33.94 -12.76
N PRO D 3 14.98 33.07 -12.57
CA PRO D 3 13.81 33.46 -11.77
C PRO D 3 13.99 32.88 -10.37
N LEU D 4 13.48 33.57 -9.36
CA LEU D 4 13.59 33.05 -8.01
C LEU D 4 12.38 32.13 -7.77
N ARG D 5 11.59 31.95 -8.83
CA ARG D 5 10.39 31.10 -8.80
C ARG D 5 10.71 29.64 -8.51
N ALA D 6 11.63 29.08 -9.29
CA ALA D 6 12.03 27.69 -9.10
C ALA D 6 11.86 27.33 -7.63
N GLN D 7 12.38 28.17 -6.75
CA GLN D 7 12.26 27.94 -5.32
C GLN D 7 10.81 27.84 -4.89
N GLN D 8 10.09 28.97 -4.98
CA GLN D 8 8.68 29.03 -4.57
C GLN D 8 7.73 28.22 -5.42
N LEU D 9 8.18 27.75 -6.59
CA LEU D 9 7.29 26.95 -7.41
C LEU D 9 7.20 25.57 -6.78
N ALA D 10 8.34 24.90 -6.65
CA ALA D 10 8.40 23.57 -6.06
C ALA D 10 7.44 23.48 -4.88
N ALA D 11 7.24 24.60 -4.20
CA ALA D 11 6.34 24.65 -3.06
C ALA D 11 4.95 24.16 -3.46
N GLU D 12 4.73 23.95 -4.75
CA GLU D 12 3.43 23.48 -5.21
C GLU D 12 3.28 21.96 -5.04
N LEU D 13 4.29 21.30 -4.47
CA LEU D 13 4.21 19.87 -4.24
C LEU D 13 2.92 19.56 -3.50
N GLU D 14 2.24 20.59 -3.05
CA GLU D 14 0.99 20.38 -2.37
C GLU D 14 0.11 19.69 -3.41
N VAL D 15 0.23 20.11 -4.66
CA VAL D 15 -0.57 19.53 -5.75
C VAL D 15 -0.23 18.05 -6.01
N GLU D 16 1.04 17.75 -6.26
CA GLU D 16 1.44 16.37 -6.52
C GLU D 16 1.19 15.49 -5.30
N ALA D 19 -2.91 14.87 -4.95
CA ALA D 19 -3.22 13.82 -5.89
C ALA D 19 -3.09 12.57 -5.06
N ASP D 20 -1.85 12.22 -4.72
CA ASP D 20 -1.54 11.06 -3.91
C ASP D 20 -2.58 10.86 -2.82
N TYR D 22 -5.49 12.17 -2.76
CA TYR D 22 -6.78 12.00 -3.42
C TYR D 22 -7.02 10.53 -3.68
N ASN D 23 -6.06 9.88 -4.36
CA ASN D 23 -6.19 8.47 -4.64
C ASN D 23 -6.48 7.79 -3.33
N ARG D 24 -5.50 7.74 -2.44
CA ARG D 24 -5.70 7.12 -1.12
C ARG D 24 -7.16 7.22 -0.67
N THR D 26 -9.80 7.94 -2.11
CA THR D 26 -10.71 7.23 -3.00
C THR D 26 -10.74 5.75 -2.64
N SER D 27 -9.56 5.14 -2.69
CA SER D 27 -9.42 3.73 -2.39
C SER D 27 -9.94 3.37 -1.01
N ALA D 28 -9.93 4.31 -0.09
CA ALA D 28 -10.41 4.01 1.24
C ALA D 28 -11.91 4.11 1.29
N CYS D 29 -12.49 5.06 0.59
CA CYS D 29 -13.94 5.15 0.64
C CYS D 29 -14.60 3.97 -0.09
N HIS D 30 -13.88 3.45 -1.09
CA HIS D 30 -14.32 2.32 -1.86
C HIS D 30 -14.43 1.13 -0.91
N ARG D 31 -13.29 0.77 -0.30
CA ARG D 31 -13.20 -0.33 0.64
C ARG D 31 -14.16 -0.18 1.81
N LYS D 32 -14.66 1.02 2.03
CA LYS D 32 -15.59 1.24 3.14
C LYS D 32 -17.03 1.23 2.67
N CYS D 33 -17.30 1.83 1.52
CA CYS D 33 -18.67 1.95 1.06
C CYS D 33 -19.23 1.08 -0.05
N VAL D 34 -18.39 0.36 -0.77
CA VAL D 34 -18.86 -0.45 -1.87
C VAL D 34 -18.47 -1.90 -1.65
N PRO D 35 -19.42 -2.75 -1.25
CA PRO D 35 -19.12 -4.17 -1.03
C PRO D 35 -18.75 -4.84 -2.35
N PRO D 36 -17.85 -5.83 -2.32
CA PRO D 36 -17.31 -6.61 -3.45
C PRO D 36 -18.25 -7.48 -4.29
N HIS D 37 -19.53 -7.58 -3.91
CA HIS D 37 -20.46 -8.41 -4.67
C HIS D 37 -20.82 -7.74 -5.98
N TYR D 38 -21.05 -6.44 -5.89
CA TYR D 38 -21.42 -5.65 -7.04
C TYR D 38 -22.67 -6.30 -7.58
N LYS D 39 -23.65 -6.47 -6.70
CA LYS D 39 -24.92 -7.10 -7.05
C LYS D 39 -25.46 -6.41 -8.30
N GLU D 40 -25.55 -5.09 -8.25
CA GLU D 40 -26.00 -4.33 -9.40
C GLU D 40 -24.98 -3.28 -9.74
N ALA D 41 -25.10 -2.65 -10.91
CA ALA D 41 -24.14 -1.65 -11.35
C ALA D 41 -24.37 -0.25 -10.81
N GLU D 42 -25.59 0.22 -10.78
CA GLU D 42 -25.82 1.57 -10.26
C GLU D 42 -25.41 1.59 -8.78
N LEU D 43 -25.18 2.77 -8.21
CA LEU D 43 -24.83 2.83 -6.79
C LEU D 43 -26.06 2.64 -5.90
N SER D 44 -26.04 1.67 -4.98
CA SER D 44 -27.17 1.52 -4.06
C SER D 44 -27.31 2.90 -3.47
N LYS D 45 -28.51 3.28 -3.07
CA LYS D 45 -28.74 4.60 -2.47
C LYS D 45 -27.69 4.85 -1.38
N GLY D 46 -27.74 4.04 -0.34
CA GLY D 46 -26.79 4.16 0.75
C GLY D 46 -25.38 4.27 0.21
N GLU D 47 -24.95 3.30 -0.59
CA GLU D 47 -23.61 3.32 -1.15
C GLU D 47 -23.25 4.75 -1.50
N SER D 48 -24.21 5.45 -2.08
CA SER D 48 -24.00 6.84 -2.45
C SER D 48 -23.99 7.70 -1.19
N VAL D 49 -24.86 7.36 -0.25
CA VAL D 49 -24.95 8.05 1.03
C VAL D 49 -23.62 7.85 1.72
N CYS D 50 -23.28 6.58 1.95
CA CYS D 50 -22.02 6.17 2.59
C CYS D 50 -20.83 6.84 1.90
N LEU D 51 -20.79 6.84 0.57
CA LEU D 51 -19.69 7.50 -0.10
C LEU D 51 -19.63 8.96 0.31
N ASP D 52 -20.81 9.60 0.38
CA ASP D 52 -20.94 11.01 0.77
C ASP D 52 -20.31 11.28 2.13
N ARG D 53 -20.66 10.45 3.10
CA ARG D 53 -20.13 10.60 4.43
C ARG D 53 -18.64 10.23 4.51
N CYS D 54 -18.24 9.11 3.92
CA CYS D 54 -16.84 8.72 3.95
C CYS D 54 -15.98 9.85 3.42
N VAL D 55 -16.25 10.26 2.19
CA VAL D 55 -15.45 11.32 1.56
C VAL D 55 -15.35 12.54 2.44
N SER D 56 -16.36 12.76 3.26
CA SER D 56 -16.33 13.89 4.17
C SER D 56 -15.41 13.52 5.33
N LYS D 57 -15.86 12.55 6.12
CA LYS D 57 -15.09 12.12 7.26
C LYS D 57 -13.60 12.02 6.92
N TYR D 58 -13.25 11.40 5.80
CA TYR D 58 -11.82 11.27 5.48
C TYR D 58 -11.08 12.60 5.46
N LEU D 59 -11.68 13.59 4.79
CA LEU D 59 -11.10 14.92 4.70
C LEU D 59 -10.83 15.41 6.12
N ASP D 60 -11.90 15.52 6.91
CA ASP D 60 -11.80 15.97 8.30
C ASP D 60 -10.60 15.27 8.95
N ILE D 61 -10.72 13.96 9.18
CA ILE D 61 -9.64 13.21 9.79
C ILE D 61 -8.28 13.55 9.19
N HIS D 62 -8.24 13.92 7.91
CA HIS D 62 -6.96 14.26 7.33
C HIS D 62 -6.48 15.64 7.77
N GLU D 63 -7.42 16.57 7.96
CA GLU D 63 -7.08 17.93 8.40
C GLU D 63 -6.53 17.85 9.82
N ARG D 64 -7.34 17.30 10.72
CA ARG D 64 -6.91 17.16 12.11
C ARG D 64 -5.52 16.49 12.08
N GLY D 66 -3.20 16.57 10.03
CA GLY D 66 -2.22 17.61 9.71
C GLY D 66 -2.01 18.53 10.88
N LYS D 67 -3.10 19.11 11.37
CA LYS D 67 -3.06 20.01 12.52
C LYS D 67 -2.11 19.43 13.59
N LYS D 68 -2.53 18.34 14.25
CA LYS D 68 -1.66 17.75 15.25
C LYS D 68 -0.24 17.68 14.72
N LEU D 69 -0.08 17.12 13.53
CA LEU D 69 1.26 16.95 12.99
C LEU D 69 2.16 18.16 13.10
N THR D 70 1.72 19.31 12.61
CA THR D 70 2.58 20.50 12.68
C THR D 70 2.76 20.93 14.12
N GLU D 71 1.76 20.65 14.95
CA GLU D 71 1.85 20.99 16.37
C GLU D 71 3.13 20.32 16.89
N LEU D 72 3.13 19.00 16.95
CA LEU D 72 4.28 18.28 17.41
C LEU D 72 5.59 18.67 16.73
N SER D 73 5.62 19.72 15.92
CA SER D 73 6.87 20.06 15.26
C SER D 73 7.45 21.33 15.83
N GLN D 75 6.90 22.17 18.57
CA GLN D 75 6.84 21.83 19.97
C GLN D 75 7.76 20.65 20.32
N ASP D 76 8.95 20.62 19.74
CA ASP D 76 9.90 19.56 20.03
C ASP D 76 10.94 20.21 20.93
N GLU D 77 10.64 21.46 21.30
CA GLU D 77 11.49 22.28 22.15
C GLU D 77 11.70 21.70 23.55
N GLU D 78 11.51 20.40 23.69
CA GLU D 78 11.66 19.78 25.00
C GLU D 78 10.63 20.45 25.89
N LEU D 79 9.55 20.85 25.23
CA LEU D 79 8.40 21.44 25.88
C LEU D 79 7.61 20.15 25.97
N LYS D 81 8.67 17.81 27.01
CA LYS D 81 9.14 17.21 28.24
C LYS D 81 8.16 17.58 29.32
N ARG D 82 7.41 18.66 29.07
CA ARG D 82 6.38 19.11 30.00
C ARG D 82 5.09 18.38 29.65
N VAL D 83 5.01 17.89 28.42
CA VAL D 83 3.84 17.16 27.94
C VAL D 83 3.93 15.70 28.36
N GLN D 84 5.15 15.22 28.54
CA GLN D 84 5.35 13.84 28.95
C GLN D 84 5.08 13.65 30.44
N GLN D 85 4.75 14.72 31.14
CA GLN D 85 4.48 14.62 32.57
C GLN D 85 3.03 14.96 32.86
N SER D 86 2.44 15.72 31.94
CA SER D 86 1.07 16.18 32.07
C SER D 86 0.02 15.15 31.70
N SER D 87 0.22 14.46 30.57
CA SER D 87 -0.74 13.44 30.08
C SER D 87 -0.97 12.36 31.12
N GLY D 88 -0.41 12.52 32.31
CA GLY D 88 -0.60 11.49 33.30
C GLY D 88 0.08 10.24 32.75
N PRO D 89 1.36 10.08 33.10
CA PRO D 89 2.23 8.97 32.67
C PRO D 89 1.58 7.84 31.85
N ALA D 90 0.92 8.20 30.75
CA ALA D 90 0.26 7.22 29.85
C ALA D 90 1.34 6.46 29.06
N GLN E 13 18.01 -1.24 -16.72
CA GLN E 13 16.82 -1.72 -15.95
C GLN E 13 17.20 -2.83 -14.97
N PHE E 14 17.78 -2.39 -13.84
CA PHE E 14 18.21 -3.30 -12.78
C PHE E 14 17.42 -2.93 -11.54
N LYS E 15 16.62 -1.87 -11.67
CA LYS E 15 15.77 -1.42 -10.58
C LYS E 15 14.52 -2.29 -10.53
N GLU E 16 14.54 -3.37 -11.32
CA GLU E 16 13.43 -4.31 -11.36
C GLU E 16 13.73 -5.45 -10.40
N PHE E 17 14.94 -5.98 -10.46
CA PHE E 17 15.34 -7.07 -9.59
C PHE E 17 15.33 -6.68 -8.12
N LEU E 18 15.81 -5.48 -7.81
CA LEU E 18 15.86 -5.03 -6.43
C LEU E 18 14.53 -4.74 -5.78
N GLY E 19 13.65 -4.02 -6.48
CA GLY E 19 12.35 -3.76 -5.90
C GLY E 19 11.69 -5.12 -5.64
N THR E 20 11.73 -5.96 -6.67
CA THR E 20 11.17 -7.30 -6.61
C THR E 20 11.83 -8.14 -5.52
N TYR E 21 13.09 -7.80 -5.22
CA TYR E 21 13.82 -8.51 -4.18
C TYR E 21 13.24 -8.12 -2.81
N ASN E 22 12.87 -6.85 -2.67
CA ASN E 22 12.28 -6.35 -1.44
C ASN E 22 10.85 -6.87 -1.36
N LYS E 23 10.12 -6.71 -2.46
CA LYS E 23 8.75 -7.17 -2.55
C LYS E 23 8.73 -8.59 -1.98
N LEU E 24 9.74 -9.37 -2.36
CA LEU E 24 9.89 -10.74 -1.93
C LEU E 24 10.19 -10.90 -0.44
N THR E 25 11.30 -10.34 0.01
CA THR E 25 11.72 -10.43 1.42
C THR E 25 10.57 -10.11 2.36
N GLU E 26 9.91 -8.99 2.08
CA GLU E 26 8.77 -8.54 2.89
C GLU E 26 7.80 -9.70 3.01
N THR E 27 7.25 -10.09 1.86
CA THR E 27 6.31 -11.19 1.76
C THR E 27 6.71 -12.36 2.65
N CYS E 28 7.81 -13.02 2.28
CA CYS E 28 8.30 -14.16 3.04
C CYS E 28 8.34 -13.87 4.52
N PHE E 29 8.73 -12.66 4.89
CA PHE E 29 8.77 -12.30 6.30
C PHE E 29 7.35 -12.35 6.82
N LEU E 30 6.44 -11.71 6.09
CA LEU E 30 5.05 -11.68 6.50
C LEU E 30 4.46 -13.05 6.74
N ASP E 31 4.48 -13.89 5.71
CA ASP E 31 3.90 -15.23 5.82
C ASP E 31 4.71 -16.21 6.68
N CYS E 32 6.01 -16.01 6.78
CA CYS E 32 6.81 -16.95 7.53
C CYS E 32 7.16 -16.67 8.97
N VAL E 33 7.30 -15.42 9.36
CA VAL E 33 7.65 -15.15 10.75
C VAL E 33 6.44 -14.75 11.61
N LYS E 34 5.91 -15.72 12.35
CA LYS E 34 4.76 -15.45 13.21
C LYS E 34 5.19 -15.67 14.66
N ASP E 35 4.70 -14.83 15.58
CA ASP E 35 5.03 -14.95 17.00
C ASP E 35 6.50 -14.60 17.31
N PHE E 36 6.69 -13.46 17.95
CA PHE E 36 8.02 -12.96 18.29
C PHE E 36 8.37 -13.08 19.77
N THR E 37 9.37 -13.92 20.06
CA THR E 37 9.81 -14.12 21.44
C THR E 37 11.29 -13.77 21.61
N THR E 38 12.11 -14.07 20.61
CA THR E 38 13.53 -13.77 20.68
C THR E 38 13.92 -13.02 19.41
N ARG E 39 15.13 -12.47 19.37
CA ARG E 39 15.56 -11.75 18.18
C ARG E 39 16.46 -12.56 17.25
N GLU E 40 16.12 -13.84 17.12
CA GLU E 40 16.86 -14.76 16.26
C GLU E 40 15.86 -15.79 15.76
N VAL E 41 15.76 -15.92 14.44
CA VAL E 41 14.81 -16.84 13.82
C VAL E 41 14.81 -18.25 14.39
N LYS E 42 13.60 -18.79 14.51
CA LYS E 42 13.39 -20.15 15.01
C LYS E 42 13.58 -21.07 13.80
N PRO E 43 14.15 -22.28 14.01
CA PRO E 43 14.37 -23.19 12.89
C PRO E 43 13.12 -23.41 12.03
N GLU E 44 12.00 -23.72 12.68
CA GLU E 44 10.74 -23.95 12.00
C GLU E 44 10.53 -22.88 10.94
N GLU E 45 10.68 -21.62 11.35
CA GLU E 45 10.51 -20.49 10.43
C GLU E 45 11.66 -20.40 9.45
N THR E 46 12.86 -20.76 9.91
CA THR E 46 14.06 -20.69 9.08
C THR E 46 13.88 -21.33 7.71
N THR E 47 13.29 -22.53 7.70
CA THR E 47 13.05 -23.26 6.46
C THR E 47 11.93 -22.58 5.67
N CYS E 48 10.87 -22.21 6.39
CA CYS E 48 9.71 -21.54 5.84
C CYS E 48 10.08 -20.45 4.82
N SER E 49 10.92 -19.53 5.26
CA SER E 49 11.37 -18.42 4.43
C SER E 49 12.23 -18.91 3.28
N GLU E 50 13.03 -19.94 3.54
CA GLU E 50 13.89 -20.51 2.53
C GLU E 50 13.02 -20.99 1.37
N HIS E 51 12.05 -21.83 1.68
CA HIS E 51 11.12 -22.35 0.67
C HIS E 51 10.38 -21.19 0.01
N CYS E 52 9.77 -20.32 0.82
CA CYS E 52 9.02 -19.16 0.31
C CYS E 52 9.76 -18.49 -0.83
N LEU E 53 11.08 -18.65 -0.84
CA LEU E 53 11.91 -18.08 -1.87
C LEU E 53 11.85 -18.90 -3.14
N GLN E 54 12.06 -20.21 -3.00
CA GLN E 54 12.04 -21.09 -4.17
C GLN E 54 10.66 -21.04 -4.79
N LYS E 55 9.65 -21.35 -3.98
CA LYS E 55 8.27 -21.35 -4.43
C LYS E 55 8.08 -20.08 -5.23
N TYR E 56 8.02 -18.96 -4.52
CA TYR E 56 7.83 -17.66 -5.16
C TYR E 56 8.65 -17.47 -6.44
N LEU E 57 9.90 -17.92 -6.44
CA LEU E 57 10.72 -17.74 -7.63
C LEU E 57 10.18 -18.51 -8.82
N LYS E 58 10.02 -19.82 -8.65
CA LYS E 58 9.49 -20.65 -9.73
C LYS E 58 8.25 -19.93 -10.26
N MET E 59 7.34 -19.61 -9.36
CA MET E 59 6.10 -18.91 -9.69
C MET E 59 6.28 -17.81 -10.73
N THR E 60 7.07 -16.81 -10.38
CA THR E 60 7.30 -15.69 -11.28
C THR E 60 7.79 -16.18 -12.64
N GLN E 61 8.47 -17.33 -12.65
CA GLN E 61 8.97 -17.89 -13.90
C GLN E 61 7.79 -18.35 -14.76
N ARG E 62 7.00 -19.26 -14.20
CA ARG E 62 5.83 -19.82 -14.87
C ARG E 62 4.93 -18.70 -15.40
N ILE E 63 4.46 -17.87 -14.48
CA ILE E 63 3.63 -16.75 -14.87
C ILE E 63 4.29 -16.06 -16.06
N SER E 64 5.60 -15.86 -15.95
CA SER E 64 6.34 -15.20 -17.01
C SER E 64 6.21 -15.95 -18.32
N MET E 65 6.33 -17.26 -18.26
CA MET E 65 6.23 -18.06 -19.47
C MET E 65 4.81 -17.95 -20.02
N ARG E 66 3.82 -18.25 -19.16
CA ARG E 66 2.43 -18.18 -19.57
C ARG E 66 2.09 -16.81 -20.15
N PHE E 67 2.88 -15.81 -19.78
CA PHE E 67 2.64 -14.46 -20.28
C PHE E 67 3.09 -14.39 -21.72
N GLN E 68 4.28 -14.92 -21.99
CA GLN E 68 4.84 -14.94 -23.33
C GLN E 68 3.97 -15.72 -24.31
N GLU E 69 3.38 -16.80 -23.81
CA GLU E 69 2.52 -17.65 -24.61
C GLU E 69 1.21 -16.94 -24.99
N TYR E 70 1.15 -15.64 -24.69
CA TYR E 70 -0.03 -14.84 -25.01
C TYR E 70 0.25 -14.06 -26.29
N HIS E 71 1.27 -13.22 -26.26
CA HIS E 71 1.64 -12.39 -27.41
C HIS E 71 1.78 -13.20 -28.70
N ILE E 72 2.04 -14.51 -28.56
CA ILE E 72 2.17 -15.39 -29.73
C ILE E 72 0.86 -15.47 -30.49
N GLN E 73 -0.24 -15.64 -29.75
CA GLN E 73 -1.55 -15.75 -30.36
C GLN E 73 -1.92 -14.56 -31.24
N GLN E 74 -1.73 -13.35 -30.71
CA GLN E 74 -2.05 -12.13 -31.45
C GLN E 74 -1.08 -11.91 -32.62
N ASN E 75 0.19 -12.23 -32.39
CA ASN E 75 1.24 -12.08 -33.41
C ASN E 75 1.18 -13.21 -34.42
N ALA F 10 5.46 8.70 -26.25
CA ALA F 10 4.26 7.89 -25.87
C ALA F 10 4.61 6.41 -25.76
N ALA F 11 5.43 5.93 -26.70
CA ALA F 11 5.85 4.53 -26.70
C ALA F 11 6.54 4.21 -25.37
N GLU F 12 7.40 5.13 -24.91
CA GLU F 12 8.10 4.94 -23.65
C GLU F 12 7.09 4.60 -22.57
N LEU F 13 5.91 5.21 -22.65
CA LEU F 13 4.85 4.95 -21.67
C LEU F 13 4.18 3.61 -21.93
N GLU F 14 3.39 3.55 -23.01
CA GLU F 14 2.67 2.34 -23.40
C GLU F 14 3.29 1.05 -22.87
N VAL F 15 4.61 0.94 -22.99
CA VAL F 15 5.30 -0.25 -22.53
C VAL F 15 5.38 -0.31 -21.02
N GLU F 16 5.99 0.72 -20.41
CA GLU F 16 6.14 0.76 -18.96
C GLU F 16 4.84 0.47 -18.23
N ALA F 19 3.74 -3.13 -17.50
CA ALA F 19 4.86 -3.60 -16.71
C ALA F 19 4.36 -3.41 -15.29
N ASP F 20 3.49 -2.43 -15.13
CA ASP F 20 2.85 -2.11 -13.85
C ASP F 20 1.76 -3.15 -13.77
N TYR F 22 1.69 -6.11 -15.33
CA TYR F 22 2.41 -7.34 -15.01
C TYR F 22 2.69 -7.53 -13.53
N ASN F 23 3.03 -6.46 -12.83
CA ASN F 23 3.30 -6.63 -11.41
C ASN F 23 2.00 -6.79 -10.64
N ARG F 24 0.98 -6.00 -10.99
CA ARG F 24 -0.30 -6.09 -10.31
C ARG F 24 -0.80 -7.50 -10.53
N THR F 26 0.78 -10.32 -11.13
CA THR F 26 1.47 -11.29 -10.30
C THR F 26 0.97 -11.22 -8.87
N SER F 27 0.96 -10.02 -8.29
CA SER F 27 0.50 -9.86 -6.93
C SER F 27 -0.83 -10.57 -6.79
N ALA F 28 -1.66 -10.44 -7.82
CA ALA F 28 -2.96 -11.07 -7.84
C ALA F 28 -2.78 -12.56 -7.74
N CYS F 29 -2.48 -13.18 -8.89
CA CYS F 29 -2.31 -14.62 -8.94
C CYS F 29 -1.47 -15.24 -7.84
N HIS F 30 -0.64 -14.44 -7.16
CA HIS F 30 0.16 -14.98 -6.07
C HIS F 30 -0.84 -15.27 -4.96
N ARG F 31 -1.76 -14.34 -4.75
CA ARG F 31 -2.78 -14.46 -3.71
C ARG F 31 -3.74 -15.59 -4.05
N LYS F 32 -4.40 -15.45 -5.19
CA LYS F 32 -5.37 -16.40 -5.68
C LYS F 32 -4.90 -17.85 -5.74
N CYS F 33 -3.63 -18.07 -6.08
CA CYS F 33 -3.14 -19.43 -6.22
C CYS F 33 -2.12 -20.04 -5.25
N VAL F 34 -1.17 -19.24 -4.74
CA VAL F 34 -0.16 -19.78 -3.82
C VAL F 34 -0.42 -19.48 -2.36
N PRO F 35 -0.90 -20.48 -1.60
CA PRO F 35 -1.19 -20.31 -0.17
C PRO F 35 0.03 -20.01 0.68
N PRO F 36 -0.17 -19.26 1.78
CA PRO F 36 0.85 -18.84 2.74
C PRO F 36 1.30 -19.95 3.68
N HIS F 37 1.47 -21.16 3.16
CA HIS F 37 1.91 -22.27 3.99
C HIS F 37 3.32 -22.66 3.59
N TYR F 38 3.55 -22.76 2.28
CA TYR F 38 4.85 -23.12 1.75
C TYR F 38 5.33 -24.40 2.42
N LYS F 39 4.56 -25.47 2.28
CA LYS F 39 4.91 -26.76 2.87
C LYS F 39 6.23 -27.26 2.31
N GLU F 40 6.31 -27.26 0.98
CA GLU F 40 7.50 -27.69 0.27
C GLU F 40 7.81 -26.65 -0.79
N ALA F 41 9.08 -26.33 -0.93
CA ALA F 41 9.54 -25.35 -1.90
C ALA F 41 9.14 -25.62 -3.34
N GLU F 42 8.57 -26.79 -3.59
CA GLU F 42 8.15 -27.14 -4.95
C GLU F 42 6.69 -26.86 -5.23
N LEU F 43 6.41 -26.46 -6.47
CA LEU F 43 5.05 -26.16 -6.89
C LEU F 43 4.17 -27.40 -6.89
N SER F 44 3.15 -27.40 -6.04
CA SER F 44 2.22 -28.52 -5.98
C SER F 44 1.52 -28.57 -7.32
N LYS F 45 1.28 -29.78 -7.81
CA LYS F 45 0.60 -29.93 -9.09
C LYS F 45 -0.57 -28.97 -9.10
N GLY F 46 -1.35 -28.97 -8.02
CA GLY F 46 -2.49 -28.08 -7.93
C GLY F 46 -2.09 -26.63 -8.21
N GLU F 47 -1.42 -26.02 -7.24
CA GLU F 47 -0.96 -24.63 -7.31
C GLU F 47 -0.43 -24.19 -8.68
N SER F 48 0.14 -25.12 -9.43
CA SER F 48 0.71 -24.81 -10.75
C SER F 48 -0.37 -24.61 -11.80
N VAL F 49 -1.37 -25.50 -11.80
CA VAL F 49 -2.49 -25.45 -12.75
C VAL F 49 -3.28 -24.15 -12.56
N CYS F 50 -3.67 -23.93 -11.31
CA CYS F 50 -4.42 -22.75 -10.91
C CYS F 50 -3.75 -21.57 -11.55
N LEU F 51 -2.48 -21.41 -11.21
CA LEU F 51 -1.62 -20.33 -11.68
C LEU F 51 -1.64 -20.07 -13.17
N ASP F 52 -1.95 -21.08 -13.97
CA ASP F 52 -2.00 -20.94 -15.42
C ASP F 52 -3.26 -20.20 -15.81
N ARG F 53 -4.37 -20.64 -15.24
CA ARG F 53 -5.68 -20.07 -15.50
C ARG F 53 -5.81 -18.67 -14.96
N CYS F 54 -5.30 -18.47 -13.74
CA CYS F 54 -5.35 -17.16 -13.10
C CYS F 54 -4.69 -16.13 -13.99
N VAL F 55 -3.57 -16.50 -14.59
CA VAL F 55 -2.91 -15.56 -15.48
C VAL F 55 -3.86 -15.31 -16.63
N SER F 56 -4.28 -16.42 -17.23
CA SER F 56 -5.17 -16.42 -18.38
C SER F 56 -6.43 -15.61 -18.17
N LYS F 57 -7.14 -15.95 -17.11
CA LYS F 57 -8.38 -15.26 -16.78
C LYS F 57 -8.12 -13.77 -16.60
N TYR F 58 -7.01 -13.46 -15.93
CA TYR F 58 -6.60 -12.07 -15.67
C TYR F 58 -6.41 -11.28 -16.97
N LEU F 59 -5.57 -11.79 -17.85
CA LEU F 59 -5.30 -11.13 -19.11
C LEU F 59 -6.58 -10.84 -19.85
N ASP F 60 -7.56 -11.74 -19.73
CA ASP F 60 -8.85 -11.54 -20.42
C ASP F 60 -9.50 -10.29 -19.87
N ILE F 61 -9.85 -10.35 -18.60
CA ILE F 61 -10.50 -9.22 -17.97
C ILE F 61 -9.74 -7.97 -18.30
N HIS F 62 -8.46 -8.12 -18.65
CA HIS F 62 -7.68 -6.95 -19.00
C HIS F 62 -7.96 -6.43 -20.40
N GLU F 63 -8.00 -7.32 -21.39
CA GLU F 63 -8.25 -6.89 -22.76
C GLU F 63 -9.70 -6.42 -22.87
N ARG F 64 -10.57 -7.05 -22.12
CA ARG F 64 -11.99 -6.70 -22.14
C ARG F 64 -12.23 -5.42 -21.36
N GLY F 66 -10.17 -3.09 -21.25
CA GLY F 66 -9.66 -2.06 -22.15
C GLY F 66 -10.72 -1.59 -23.12
N LYS F 67 -11.30 -2.53 -23.86
CA LYS F 67 -12.34 -2.19 -24.82
C LYS F 67 -13.46 -1.41 -24.16
N LYS F 68 -14.29 -2.10 -23.38
CA LYS F 68 -15.42 -1.47 -22.68
C LYS F 68 -15.07 -0.10 -22.13
N LEU F 69 -13.78 0.12 -21.89
CA LEU F 69 -13.31 1.39 -21.34
C LEU F 69 -13.00 2.37 -22.46
N THR F 70 -12.14 1.95 -23.40
CA THR F 70 -11.77 2.79 -24.55
C THR F 70 -13.05 3.21 -25.27
N GLU F 71 -13.99 2.27 -25.32
CA GLU F 71 -15.27 2.48 -25.96
C GLU F 71 -16.06 3.51 -25.15
N LEU F 72 -15.54 3.85 -23.98
CA LEU F 72 -16.22 4.81 -23.13
C LEU F 72 -15.69 6.23 -23.36
N SER F 73 -14.62 6.33 -24.13
CA SER F 73 -14.01 7.62 -24.44
C SER F 73 -14.09 7.94 -25.93
#